data_2MIX
#
_entry.id   2MIX
#
_entity_poly.entity_id   1
_entity_poly.type   'polypeptide(L)'
_entity_poly.pdbx_seq_one_letter_code
;TRICCGCYWNGSKDVCSQSCC
;
_entity_poly.pdbx_strand_id   A
#
# COMPACT_ATOMS: atom_id res chain seq x y z
N THR A 1 3.91 2.30 4.83
CA THR A 1 2.77 1.77 5.60
C THR A 1 1.44 1.99 4.87
N ARG A 2 1.15 3.24 4.57
CA ARG A 2 -0.10 3.62 3.92
C ARG A 2 0.15 4.26 2.55
N ILE A 3 1.18 3.82 1.83
CA ILE A 3 1.57 4.47 0.56
C ILE A 3 0.42 4.53 -0.45
N CYS A 4 -0.28 5.66 -0.42
CA CYS A 4 -1.40 5.99 -1.33
C CYS A 4 -2.29 4.79 -1.65
N CYS A 5 -3.04 4.92 -2.73
CA CYS A 5 -3.87 3.84 -3.22
C CYS A 5 -3.14 3.08 -4.33
N GLY A 6 -3.49 1.82 -4.48
CA GLY A 6 -2.79 0.95 -5.39
C GLY A 6 -2.18 -0.19 -4.63
N CYS A 7 -0.96 -0.58 -4.99
CA CYS A 7 -0.26 -1.59 -4.24
C CYS A 7 1.19 -1.21 -4.06
N TYR A 8 1.67 -1.34 -2.84
CA TYR A 8 3.03 -0.96 -2.49
C TYR A 8 3.71 -2.09 -1.73
N TRP A 9 5.02 -2.06 -1.69
CA TRP A 9 5.76 -3.06 -0.96
C TRP A 9 6.07 -2.57 0.44
N ASN A 10 5.26 -3.01 1.40
CA ASN A 10 5.51 -2.66 2.78
C ASN A 10 6.23 -3.79 3.50
N GLY A 11 7.55 -3.76 3.43
CA GLY A 11 8.39 -4.66 4.21
C GLY A 11 8.35 -6.10 3.74
N SER A 12 7.28 -6.82 4.07
CA SER A 12 7.22 -8.25 3.89
C SER A 12 6.51 -8.67 2.60
N LYS A 13 5.55 -7.88 2.16
CA LYS A 13 4.73 -8.25 1.01
C LYS A 13 4.09 -7.04 0.35
N ASP A 14 3.55 -7.26 -0.84
CA ASP A 14 2.80 -6.25 -1.56
C ASP A 14 1.50 -5.98 -0.85
N VAL A 15 1.36 -4.80 -0.31
CA VAL A 15 0.16 -4.41 0.40
C VAL A 15 -0.63 -3.43 -0.46
N CYS A 16 -1.70 -3.93 -1.03
CA CYS A 16 -2.58 -3.09 -1.83
C CYS A 16 -3.77 -2.65 -0.98
N SER A 17 -4.18 -1.40 -1.14
CA SER A 17 -5.26 -0.82 -0.34
C SER A 17 -5.57 0.60 -0.79
N GLN A 18 -6.53 1.24 -0.11
CA GLN A 18 -6.92 2.60 -0.44
C GLN A 18 -6.52 3.56 0.67
N SER A 19 -5.27 4.03 0.59
CA SER A 19 -4.72 4.98 1.54
C SER A 19 -5.14 6.42 1.23
N CYS A 20 -5.02 6.80 -0.04
CA CYS A 20 -5.23 8.19 -0.44
C CYS A 20 -6.54 8.37 -1.19
N CYS A 21 -7.53 7.58 -0.83
CA CYS A 21 -8.82 7.62 -1.51
C CYS A 21 -9.96 7.82 -0.51
N THR A 1 2.96 0.90 6.37
CA THR A 1 2.88 2.22 5.72
C THR A 1 1.70 2.26 4.75
N ARG A 2 0.90 3.31 4.85
CA ARG A 2 -0.30 3.50 4.07
C ARG A 2 0.00 4.25 2.75
N ILE A 3 1.20 4.08 2.20
CA ILE A 3 1.65 4.85 1.04
C ILE A 3 0.62 4.88 -0.10
N CYS A 4 -0.15 5.95 -0.09
CA CYS A 4 -1.22 6.24 -1.05
C CYS A 4 -2.05 5.02 -1.48
N CYS A 5 -2.86 5.22 -2.51
CA CYS A 5 -3.81 4.23 -2.95
C CYS A 5 -3.25 3.46 -4.14
N GLY A 6 -3.30 2.14 -4.01
CA GLY A 6 -2.71 1.27 -4.99
C GLY A 6 -2.10 0.09 -4.29
N CYS A 7 -1.12 -0.54 -4.89
CA CYS A 7 -0.46 -1.65 -4.25
C CYS A 7 1.01 -1.30 -4.00
N TYR A 8 1.42 -1.36 -2.75
CA TYR A 8 2.78 -1.01 -2.37
C TYR A 8 3.47 -2.17 -1.69
N TRP A 9 4.77 -2.15 -1.69
CA TRP A 9 5.53 -3.18 -1.02
C TRP A 9 5.78 -2.77 0.43
N ASN A 10 5.02 -3.35 1.33
CA ASN A 10 5.20 -3.10 2.75
C ASN A 10 6.12 -4.15 3.37
N GLY A 11 7.41 -3.87 3.35
CA GLY A 11 8.39 -4.68 4.06
C GLY A 11 8.64 -6.05 3.46
N SER A 12 7.78 -7.01 3.77
CA SER A 12 7.98 -8.38 3.35
C SER A 12 6.86 -8.86 2.43
N LYS A 13 5.94 -7.97 2.09
CA LYS A 13 4.79 -8.35 1.27
C LYS A 13 4.22 -7.17 0.50
N ASP A 14 3.68 -7.46 -0.67
CA ASP A 14 2.95 -6.47 -1.45
C ASP A 14 1.56 -6.33 -0.86
N VAL A 15 1.25 -5.13 -0.42
CA VAL A 15 0.00 -4.85 0.24
C VAL A 15 -0.74 -3.77 -0.51
N CYS A 16 -1.89 -4.13 -1.04
CA CYS A 16 -2.69 -3.16 -1.74
C CYS A 16 -3.70 -2.53 -0.79
N SER A 17 -3.83 -1.22 -0.89
CA SER A 17 -4.68 -0.45 0.01
C SER A 17 -5.20 0.80 -0.67
N GLN A 18 -6.34 1.28 -0.21
CA GLN A 18 -6.90 2.53 -0.70
C GLN A 18 -6.70 3.62 0.33
N SER A 19 -5.48 4.13 0.35
CA SER A 19 -5.09 5.18 1.27
C SER A 19 -5.60 6.53 0.78
N CYS A 20 -5.22 6.87 -0.45
CA CYS A 20 -5.54 8.16 -1.05
C CYS A 20 -6.80 8.07 -1.92
N CYS A 21 -7.55 6.99 -1.77
CA CYS A 21 -8.79 6.83 -2.51
C CYS A 21 -9.99 7.09 -1.61
N THR A 1 2.38 0.86 6.10
CA THR A 1 2.44 2.31 5.79
C THR A 1 1.41 2.68 4.71
N ARG A 2 0.67 3.75 4.98
CA ARG A 2 -0.46 4.18 4.17
C ARG A 2 -0.06 4.86 2.84
N ILE A 3 1.04 4.43 2.22
CA ILE A 3 1.47 5.08 0.99
C ILE A 3 0.46 4.91 -0.16
N CYS A 4 -0.41 5.89 -0.25
CA CYS A 4 -1.43 6.03 -1.31
C CYS A 4 -2.15 4.74 -1.71
N CYS A 5 -2.95 4.84 -2.76
CA CYS A 5 -3.81 3.74 -3.18
C CYS A 5 -3.18 2.95 -4.30
N GLY A 6 -3.52 1.67 -4.36
CA GLY A 6 -2.90 0.78 -5.30
C GLY A 6 -2.20 -0.33 -4.54
N CYS A 7 -1.08 -0.78 -5.05
CA CYS A 7 -0.31 -1.81 -4.38
C CYS A 7 1.11 -1.32 -4.11
N TYR A 8 1.51 -1.37 -2.85
CA TYR A 8 2.86 -0.97 -2.47
C TYR A 8 3.58 -2.11 -1.76
N TRP A 9 4.88 -2.12 -1.84
CA TRP A 9 5.66 -3.11 -1.11
C TRP A 9 5.88 -2.63 0.32
N ASN A 10 5.06 -3.15 1.22
CA ASN A 10 5.20 -2.85 2.63
C ASN A 10 6.01 -3.94 3.33
N GLY A 11 7.33 -3.75 3.36
CA GLY A 11 8.22 -4.60 4.14
C GLY A 11 8.30 -6.04 3.66
N SER A 12 7.34 -6.85 4.08
CA SER A 12 7.42 -8.28 3.86
C SER A 12 6.60 -8.73 2.65
N LYS A 13 5.68 -7.89 2.19
CA LYS A 13 4.80 -8.26 1.10
C LYS A 13 4.26 -7.06 0.37
N ASP A 14 3.79 -7.31 -0.84
CA ASP A 14 3.13 -6.29 -1.63
C ASP A 14 1.69 -6.17 -1.17
N VAL A 15 1.35 -5.01 -0.63
CA VAL A 15 0.07 -4.80 0.01
C VAL A 15 -0.72 -3.75 -0.75
N CYS A 16 -1.85 -4.15 -1.26
CA CYS A 16 -2.75 -3.21 -1.90
C CYS A 16 -3.76 -2.69 -0.89
N SER A 17 -4.12 -1.43 -1.04
CA SER A 17 -4.98 -0.75 -0.08
C SER A 17 -5.33 0.64 -0.58
N GLN A 18 -6.47 1.17 -0.14
CA GLN A 18 -6.90 2.50 -0.53
C GLN A 18 -6.49 3.51 0.54
N SER A 19 -5.22 3.88 0.49
CA SER A 19 -4.61 4.78 1.46
C SER A 19 -4.89 6.25 1.15
N CYS A 20 -4.54 6.68 -0.07
CA CYS A 20 -4.74 8.06 -0.49
C CYS A 20 -6.13 8.27 -1.10
N CYS A 21 -7.09 7.52 -0.60
CA CYS A 21 -8.46 7.60 -1.09
C CYS A 21 -9.40 7.85 0.08
N THR A 1 3.28 3.26 5.08
CA THR A 1 2.71 1.94 5.40
C THR A 1 1.35 1.74 4.72
N ARG A 2 0.61 2.83 4.53
CA ARG A 2 -0.67 2.81 3.86
C ARG A 2 -0.53 3.44 2.45
N ILE A 3 0.71 3.38 1.93
CA ILE A 3 1.15 4.15 0.74
C ILE A 3 0.06 4.37 -0.32
N CYS A 4 -0.51 5.57 -0.25
CA CYS A 4 -1.53 6.04 -1.19
C CYS A 4 -2.56 4.97 -1.57
N CYS A 5 -3.15 5.09 -2.74
CA CYS A 5 -4.01 4.05 -3.26
C CYS A 5 -3.28 3.22 -4.29
N GLY A 6 -3.50 1.92 -4.26
CA GLY A 6 -2.86 1.02 -5.18
C GLY A 6 -2.21 -0.13 -4.45
N CYS A 7 -1.04 -0.54 -4.88
CA CYS A 7 -0.32 -1.59 -4.18
C CYS A 7 1.14 -1.22 -4.04
N TYR A 8 1.68 -1.45 -2.86
CA TYR A 8 3.04 -1.06 -2.52
C TYR A 8 3.73 -2.18 -1.78
N TRP A 9 5.04 -2.15 -1.73
CA TRP A 9 5.79 -3.16 -1.02
C TRP A 9 6.11 -2.70 0.38
N ASN A 10 5.31 -3.13 1.34
CA ASN A 10 5.57 -2.79 2.73
C ASN A 10 6.34 -3.91 3.42
N GLY A 11 7.66 -3.84 3.35
CA GLY A 11 8.52 -4.73 4.09
C GLY A 11 8.50 -6.18 3.62
N SER A 12 7.48 -6.92 4.04
CA SER A 12 7.46 -8.36 3.83
C SER A 12 6.75 -8.74 2.52
N LYS A 13 5.68 -8.04 2.18
CA LYS A 13 4.89 -8.38 1.00
C LYS A 13 4.26 -7.16 0.38
N ASP A 14 3.76 -7.34 -0.82
CA ASP A 14 3.00 -6.30 -1.51
C ASP A 14 1.66 -6.12 -0.83
N VAL A 15 1.47 -4.94 -0.27
CA VAL A 15 0.26 -4.60 0.46
C VAL A 15 -0.52 -3.58 -0.34
N CYS A 16 -1.63 -4.01 -0.88
CA CYS A 16 -2.50 -3.08 -1.60
C CYS A 16 -3.56 -2.51 -0.67
N SER A 17 -3.83 -1.23 -0.84
CA SER A 17 -4.77 -0.52 0.03
C SER A 17 -5.18 0.80 -0.62
N GLN A 18 -5.98 1.60 0.10
CA GLN A 18 -6.48 2.85 -0.45
C GLN A 18 -6.33 4.00 0.56
N SER A 19 -5.12 4.55 0.65
CA SER A 19 -4.88 5.72 1.50
C SER A 19 -5.53 6.96 0.88
N CYS A 20 -5.12 7.24 -0.35
CA CYS A 20 -5.39 8.52 -1.01
C CYS A 20 -6.75 8.52 -1.72
N CYS A 21 -7.72 7.80 -1.16
CA CYS A 21 -9.04 7.71 -1.75
C CYS A 21 -10.11 7.96 -0.70
N THR A 1 2.65 0.72 6.46
CA THR A 1 2.61 2.11 5.95
C THR A 1 1.54 2.26 4.89
N ARG A 2 0.62 3.19 5.12
CA ARG A 2 -0.52 3.45 4.26
C ARG A 2 -0.13 4.24 2.99
N ILE A 3 1.07 3.98 2.46
CA ILE A 3 1.60 4.71 1.31
C ILE A 3 0.65 4.69 0.09
N CYS A 4 -0.12 5.74 0.00
CA CYS A 4 -1.08 6.00 -1.09
C CYS A 4 -1.96 4.78 -1.47
N CYS A 5 -2.73 4.98 -2.52
CA CYS A 5 -3.79 4.08 -2.92
C CYS A 5 -3.32 3.21 -4.07
N GLY A 6 -3.50 1.90 -3.92
CA GLY A 6 -3.03 0.96 -4.89
C GLY A 6 -2.31 -0.18 -4.22
N CYS A 7 -1.27 -0.69 -4.85
CA CYS A 7 -0.49 -1.77 -4.25
C CYS A 7 0.94 -1.31 -4.02
N TYR A 8 1.39 -1.40 -2.78
CA TYR A 8 2.74 -1.00 -2.43
C TYR A 8 3.49 -2.16 -1.80
N TRP A 9 4.81 -2.10 -1.87
CA TRP A 9 5.62 -3.05 -1.14
C TRP A 9 5.82 -2.55 0.28
N ASN A 10 5.22 -3.24 1.23
CA ASN A 10 5.34 -2.88 2.62
C ASN A 10 6.20 -3.91 3.36
N GLY A 11 7.50 -3.68 3.35
CA GLY A 11 8.43 -4.51 4.10
C GLY A 11 8.56 -5.93 3.59
N SER A 12 7.56 -6.75 3.86
CA SER A 12 7.65 -8.18 3.60
C SER A 12 6.77 -8.61 2.42
N LYS A 13 5.68 -7.89 2.15
CA LYS A 13 4.80 -8.26 1.05
C LYS A 13 4.36 -7.04 0.27
N ASP A 14 3.82 -7.30 -0.91
CA ASP A 14 3.11 -6.30 -1.68
C ASP A 14 1.66 -6.27 -1.21
N VAL A 15 1.26 -5.16 -0.65
CA VAL A 15 -0.03 -5.04 -0.01
C VAL A 15 -0.78 -3.87 -0.62
N CYS A 16 -1.98 -4.16 -1.08
CA CYS A 16 -2.82 -3.13 -1.67
C CYS A 16 -3.74 -2.52 -0.63
N SER A 17 -4.04 -1.25 -0.82
CA SER A 17 -4.84 -0.50 0.14
C SER A 17 -5.20 0.86 -0.46
N GLN A 18 -6.41 1.33 -0.17
CA GLN A 18 -6.87 2.61 -0.68
C GLN A 18 -6.59 3.73 0.32
N SER A 19 -5.35 4.16 0.33
CA SER A 19 -4.91 5.24 1.19
C SER A 19 -5.31 6.59 0.60
N CYS A 20 -4.80 6.87 -0.60
CA CYS A 20 -5.05 8.13 -1.29
C CYS A 20 -6.34 8.05 -2.11
N CYS A 21 -7.29 7.27 -1.62
CA CYS A 21 -8.59 7.15 -2.25
C CYS A 21 -9.69 7.33 -1.21
N THR A 1 4.29 3.66 4.81
CA THR A 1 3.46 2.46 4.97
C THR A 1 2.19 2.58 4.12
N ARG A 2 1.34 3.54 4.48
CA ARG A 2 0.09 3.80 3.80
C ARG A 2 0.28 4.54 2.47
N ILE A 3 1.42 4.32 1.81
CA ILE A 3 1.78 5.08 0.60
C ILE A 3 0.73 4.97 -0.50
N CYS A 4 -0.16 5.95 -0.48
CA CYS A 4 -1.30 6.08 -1.39
C CYS A 4 -2.03 4.76 -1.70
N CYS A 5 -2.95 4.84 -2.64
CA CYS A 5 -3.71 3.69 -3.06
C CYS A 5 -3.05 3.03 -4.26
N GLY A 6 -3.42 1.79 -4.50
CA GLY A 6 -2.74 1.00 -5.49
C GLY A 6 -2.17 -0.23 -4.85
N CYS A 7 -0.89 -0.44 -5.00
CA CYS A 7 -0.23 -1.51 -4.30
C CYS A 7 1.25 -1.20 -4.13
N TYR A 8 1.71 -1.36 -2.90
CA TYR A 8 3.08 -1.04 -2.54
C TYR A 8 3.71 -2.18 -1.76
N TRP A 9 5.03 -2.23 -1.73
CA TRP A 9 5.72 -3.20 -0.90
C TRP A 9 5.83 -2.68 0.52
N ASN A 10 4.82 -2.98 1.32
CA ASN A 10 4.83 -2.60 2.71
C ASN A 10 5.58 -3.65 3.54
N GLY A 11 6.88 -3.46 3.67
CA GLY A 11 7.68 -4.26 4.57
C GLY A 11 7.91 -5.69 4.12
N SER A 12 6.89 -6.52 4.25
CA SER A 12 7.04 -7.96 4.03
C SER A 12 6.37 -8.42 2.73
N LYS A 13 5.47 -7.61 2.19
CA LYS A 13 4.73 -8.02 1.00
C LYS A 13 4.11 -6.81 0.32
N ASP A 14 3.64 -7.01 -0.90
CA ASP A 14 2.91 -5.99 -1.61
C ASP A 14 1.48 -5.94 -1.10
N VAL A 15 1.11 -4.83 -0.49
CA VAL A 15 -0.19 -4.69 0.11
C VAL A 15 -0.99 -3.66 -0.66
N CYS A 16 -1.96 -4.14 -1.39
CA CYS A 16 -2.82 -3.29 -2.18
C CYS A 16 -4.05 -2.86 -1.37
N SER A 17 -4.23 -1.56 -1.22
CA SER A 17 -5.31 -1.04 -0.38
C SER A 17 -5.57 0.44 -0.67
N GLN A 18 -6.72 0.94 -0.22
CA GLN A 18 -7.08 2.33 -0.42
C GLN A 18 -6.49 3.18 0.71
N SER A 19 -5.20 3.44 0.57
CA SER A 19 -4.42 4.10 1.60
C SER A 19 -4.55 5.64 1.56
N CYS A 20 -4.60 6.24 0.36
CA CYS A 20 -4.77 7.69 0.28
C CYS A 20 -6.15 8.06 -0.28
N CYS A 21 -7.06 7.11 -0.23
CA CYS A 21 -8.40 7.33 -0.75
C CYS A 21 -9.39 7.39 0.40
N THR A 1 2.79 0.74 6.48
CA THR A 1 2.74 1.99 5.69
C THR A 1 1.61 1.93 4.67
N ARG A 2 0.63 2.81 4.83
CA ARG A 2 -0.59 2.86 4.04
C ARG A 2 -0.37 3.49 2.64
N ILE A 3 0.85 3.37 2.11
CA ILE A 3 1.30 4.08 0.89
C ILE A 3 0.20 4.29 -0.16
N CYS A 4 -0.36 5.50 -0.11
CA CYS A 4 -1.41 5.97 -1.05
C CYS A 4 -2.42 4.87 -1.38
N CYS A 5 -3.01 4.97 -2.56
CA CYS A 5 -3.83 3.90 -3.09
C CYS A 5 -3.05 3.06 -4.09
N GLY A 6 -3.49 1.83 -4.28
CA GLY A 6 -2.81 0.94 -5.20
C GLY A 6 -2.13 -0.18 -4.46
N CYS A 7 -1.10 -0.76 -5.06
CA CYS A 7 -0.37 -1.83 -4.43
C CYS A 7 1.08 -1.42 -4.22
N TYR A 8 1.52 -1.49 -2.99
CA TYR A 8 2.86 -1.09 -2.61
C TYR A 8 3.57 -2.22 -1.90
N TRP A 9 4.89 -2.16 -1.84
CA TRP A 9 5.64 -3.14 -1.10
C TRP A 9 5.97 -2.57 0.27
N ASN A 10 5.39 -3.14 1.30
CA ASN A 10 5.63 -2.68 2.65
C ASN A 10 6.35 -3.75 3.46
N GLY A 11 7.68 -3.71 3.40
CA GLY A 11 8.50 -4.57 4.23
C GLY A 11 8.66 -5.97 3.67
N SER A 12 7.70 -6.83 3.97
CA SER A 12 7.81 -8.23 3.62
C SER A 12 6.73 -8.67 2.65
N LYS A 13 5.82 -7.77 2.30
CA LYS A 13 4.72 -8.13 1.41
C LYS A 13 4.27 -6.97 0.54
N ASP A 14 3.63 -7.32 -0.56
CA ASP A 14 2.99 -6.34 -1.44
C ASP A 14 1.55 -6.16 -0.97
N VAL A 15 1.22 -4.95 -0.55
CA VAL A 15 -0.04 -4.68 0.09
C VAL A 15 -0.81 -3.64 -0.71
N CYS A 16 -1.98 -4.03 -1.16
CA CYS A 16 -2.86 -3.15 -1.86
C CYS A 16 -3.82 -2.47 -0.89
N SER A 17 -3.81 -1.15 -0.87
CA SER A 17 -4.64 -0.40 0.06
C SER A 17 -5.09 0.91 -0.60
N GLN A 18 -6.09 1.55 -0.01
CA GLN A 18 -6.61 2.79 -0.54
C GLN A 18 -6.46 3.92 0.48
N SER A 19 -5.26 4.47 0.57
CA SER A 19 -4.99 5.57 1.49
C SER A 19 -5.54 6.88 0.93
N CYS A 20 -5.08 7.22 -0.28
CA CYS A 20 -5.29 8.55 -0.83
C CYS A 20 -6.52 8.63 -1.72
N CYS A 21 -7.52 7.79 -1.43
CA CYS A 21 -8.75 7.79 -2.21
C CYS A 21 -9.91 7.25 -1.38
N THR A 1 2.11 1.68 7.28
CA THR A 1 2.21 2.35 5.98
C THR A 1 0.95 2.11 5.14
N ARG A 2 0.20 3.17 4.93
CA ARG A 2 -1.04 3.15 4.15
C ARG A 2 -0.77 3.66 2.71
N ILE A 3 0.49 3.51 2.29
CA ILE A 3 1.05 4.17 1.08
C ILE A 3 0.04 4.37 -0.05
N CYS A 4 -0.45 5.59 -0.10
CA CYS A 4 -1.37 6.08 -1.14
C CYS A 4 -2.44 5.05 -1.54
N CYS A 5 -2.95 5.19 -2.76
CA CYS A 5 -3.93 4.29 -3.29
C CYS A 5 -3.26 3.32 -4.26
N GLY A 6 -3.48 2.04 -4.07
CA GLY A 6 -2.89 1.05 -4.94
C GLY A 6 -2.16 -0.01 -4.16
N CYS A 7 -1.19 -0.65 -4.78
CA CYS A 7 -0.48 -1.73 -4.13
C CYS A 7 0.98 -1.33 -3.93
N TYR A 8 1.42 -1.39 -2.68
CA TYR A 8 2.76 -0.96 -2.33
C TYR A 8 3.51 -2.08 -1.63
N TRP A 9 4.82 -1.98 -1.60
CA TRP A 9 5.64 -3.01 -0.96
C TRP A 9 6.01 -2.60 0.45
N ASN A 10 5.50 -3.34 1.42
CA ASN A 10 5.82 -3.09 2.82
C ASN A 10 6.60 -4.26 3.41
N GLY A 11 7.92 -4.17 3.31
CA GLY A 11 8.78 -5.13 3.98
C GLY A 11 8.95 -6.45 3.24
N SER A 12 8.05 -7.39 3.48
CA SER A 12 8.21 -8.73 2.95
C SER A 12 7.09 -9.09 1.98
N LYS A 13 6.07 -8.25 1.91
CA LYS A 13 4.94 -8.48 1.01
C LYS A 13 4.44 -7.19 0.42
N ASP A 14 3.72 -7.30 -0.69
CA ASP A 14 3.05 -6.16 -1.28
C ASP A 14 1.65 -6.07 -0.69
N VAL A 15 1.34 -4.90 -0.16
CA VAL A 15 0.09 -4.67 0.51
C VAL A 15 -0.69 -3.62 -0.26
N CYS A 16 -1.82 -4.01 -0.77
CA CYS A 16 -2.68 -3.09 -1.49
C CYS A 16 -3.68 -2.46 -0.54
N SER A 17 -3.76 -1.14 -0.61
CA SER A 17 -4.61 -0.36 0.27
C SER A 17 -5.13 0.86 -0.47
N GLN A 18 -5.97 1.65 0.18
CA GLN A 18 -6.56 2.80 -0.47
C GLN A 18 -6.47 4.05 0.40
N SER A 19 -5.30 4.67 0.40
CA SER A 19 -5.08 5.90 1.16
C SER A 19 -5.61 7.09 0.37
N CYS A 20 -5.05 7.27 -0.82
CA CYS A 20 -5.28 8.46 -1.64
C CYS A 20 -6.51 8.28 -2.52
N CYS A 21 -7.49 7.53 -2.03
CA CYS A 21 -8.72 7.33 -2.77
C CYS A 21 -9.85 6.97 -1.81
N THR A 1 2.75 3.64 5.86
CA THR A 1 2.48 2.18 5.71
C THR A 1 1.13 1.95 5.01
N ARG A 2 0.47 3.03 4.62
CA ARG A 2 -0.80 2.98 3.94
C ARG A 2 -0.62 3.47 2.50
N ILE A 3 0.62 3.40 2.01
CA ILE A 3 1.10 4.12 0.82
C ILE A 3 0.06 4.30 -0.29
N CYS A 4 -0.52 5.49 -0.28
CA CYS A 4 -1.50 5.94 -1.29
C CYS A 4 -2.53 4.86 -1.65
N CYS A 5 -3.07 4.96 -2.85
CA CYS A 5 -3.96 3.94 -3.38
C CYS A 5 -3.20 3.03 -4.34
N GLY A 6 -3.45 1.74 -4.24
CA GLY A 6 -2.80 0.78 -5.10
C GLY A 6 -2.09 -0.29 -4.30
N CYS A 7 -1.05 -0.87 -4.87
CA CYS A 7 -0.29 -1.89 -4.20
C CYS A 7 1.14 -1.42 -3.98
N TYR A 8 1.57 -1.44 -2.73
CA TYR A 8 2.89 -0.98 -2.37
C TYR A 8 3.64 -2.06 -1.62
N TRP A 9 4.95 -1.96 -1.57
CA TRP A 9 5.75 -2.94 -0.86
C TRP A 9 6.05 -2.47 0.56
N ASN A 10 5.46 -3.14 1.52
CA ASN A 10 5.72 -2.86 2.92
C ASN A 10 6.40 -4.04 3.60
N GLY A 11 7.72 -4.04 3.57
CA GLY A 11 8.49 -5.02 4.32
C GLY A 11 8.75 -6.31 3.57
N SER A 12 7.84 -7.26 3.68
CA SER A 12 8.06 -8.57 3.11
C SER A 12 7.05 -8.92 2.01
N LYS A 13 6.04 -8.07 1.84
CA LYS A 13 4.99 -8.34 0.85
C LYS A 13 4.43 -7.06 0.24
N ASP A 14 3.69 -7.25 -0.84
CA ASP A 14 2.94 -6.17 -1.46
C ASP A 14 1.62 -6.03 -0.74
N VAL A 15 1.33 -4.83 -0.26
CA VAL A 15 0.12 -4.56 0.48
C VAL A 15 -0.68 -3.50 -0.26
N CYS A 16 -1.82 -3.90 -0.75
CA CYS A 16 -2.70 -2.98 -1.46
C CYS A 16 -3.72 -2.36 -0.52
N SER A 17 -4.11 -1.13 -0.81
CA SER A 17 -5.09 -0.40 -0.03
C SER A 17 -5.36 0.97 -0.66
N GLN A 18 -6.22 1.76 -0.02
CA GLN A 18 -6.62 3.05 -0.57
C GLN A 18 -6.38 4.17 0.43
N SER A 19 -5.13 4.63 0.53
CA SER A 19 -4.82 5.76 1.41
C SER A 19 -5.37 7.04 0.80
N CYS A 20 -5.01 7.26 -0.46
CA CYS A 20 -5.24 8.53 -1.14
C CYS A 20 -6.64 8.59 -1.73
N CYS A 21 -7.49 7.66 -1.34
CA CYS A 21 -8.85 7.58 -1.85
C CYS A 21 -9.75 6.82 -0.87
N THR A 1 3.71 3.16 5.64
CA THR A 1 2.68 2.10 5.65
C THR A 1 1.55 2.43 4.68
N ARG A 2 0.82 3.50 4.98
CA ARG A 2 -0.33 3.94 4.19
C ARG A 2 0.06 4.64 2.88
N ILE A 3 1.17 4.23 2.26
CA ILE A 3 1.66 4.90 1.05
C ILE A 3 0.63 4.86 -0.09
N CYS A 4 -0.17 5.90 -0.12
CA CYS A 4 -1.30 6.09 -1.04
C CYS A 4 -2.02 4.82 -1.47
N CYS A 5 -2.87 4.95 -2.49
CA CYS A 5 -3.79 3.91 -2.86
C CYS A 5 -3.31 3.13 -4.07
N GLY A 6 -3.48 1.82 -4.01
CA GLY A 6 -2.97 0.94 -5.02
C GLY A 6 -2.24 -0.21 -4.38
N CYS A 7 -1.16 -0.66 -5.00
CA CYS A 7 -0.37 -1.74 -4.44
C CYS A 7 1.05 -1.27 -4.17
N TYR A 8 1.49 -1.41 -2.93
CA TYR A 8 2.84 -1.05 -2.55
C TYR A 8 3.52 -2.19 -1.82
N TRP A 9 4.85 -2.18 -1.82
CA TRP A 9 5.59 -3.17 -1.07
C TRP A 9 5.77 -2.71 0.36
N ASN A 10 4.95 -3.23 1.25
CA ASN A 10 5.05 -2.91 2.66
C ASN A 10 5.95 -3.91 3.36
N GLY A 11 7.25 -3.61 3.37
CA GLY A 11 8.21 -4.37 4.16
C GLY A 11 8.44 -5.80 3.68
N SER A 12 7.48 -6.67 3.96
CA SER A 12 7.67 -8.09 3.71
C SER A 12 6.77 -8.58 2.57
N LYS A 13 5.75 -7.82 2.21
CA LYS A 13 4.81 -8.24 1.18
C LYS A 13 4.25 -7.06 0.40
N ASP A 14 3.74 -7.36 -0.78
CA ASP A 14 3.05 -6.38 -1.61
C ASP A 14 1.61 -6.26 -1.14
N VAL A 15 1.26 -5.11 -0.62
CA VAL A 15 -0.02 -4.90 0.02
C VAL A 15 -0.78 -3.81 -0.70
N CYS A 16 -1.90 -4.16 -1.26
CA CYS A 16 -2.77 -3.19 -1.89
C CYS A 16 -3.81 -2.69 -0.90
N SER A 17 -4.17 -1.43 -1.05
CA SER A 17 -5.17 -0.78 -0.19
C SER A 17 -5.38 0.66 -0.63
N GLN A 18 -6.52 1.23 -0.26
CA GLN A 18 -6.86 2.58 -0.67
C GLN A 18 -6.50 3.60 0.42
N SER A 19 -5.23 3.94 0.48
CA SER A 19 -4.72 4.92 1.43
C SER A 19 -5.11 6.35 1.03
N CYS A 20 -4.65 6.77 -0.15
CA CYS A 20 -4.94 8.12 -0.65
C CYS A 20 -6.19 8.12 -1.52
N CYS A 21 -6.97 7.05 -1.42
CA CYS A 21 -8.18 6.92 -2.21
C CYS A 21 -9.36 6.63 -1.29
#